data_9JTO
#
_entry.id   9JTO
#
_cell.length_a   1.00
_cell.length_b   1.00
_cell.length_c   1.00
_cell.angle_alpha   90.00
_cell.angle_beta   90.00
_cell.angle_gamma   90.00
#
_symmetry.space_group_name_H-M   'P 1'
#
loop_
_entity.id
_entity.type
_entity.pdbx_description
1 polymer 'Glucose-6-phosphatase catalytic subunit 1,GSlinker-HRV3C-GFP-twin strep'
2 non-polymer O-[(R)-{[(2R)-2,3-bis(octadecanoyloxy)propyl]oxy}(hydroxy)phosphoryl]-L-serine
3 non-polymer 6-O-phosphono-beta-D-fructofuranose
#
_entity_poly.entity_id   1
_entity_poly.type   'polypeptide(L)'
_entity_poly.pdbx_seq_one_letter_code
;MEEGMNVLHDFGIQSTHYLQVNYQDSQDWFILVSVIADLRNAFYVLFPIWFHLQEAVGIKLLWVAVIGDWLNLVFKWILF
GQRPYWWVLDTDYYSNTSVPLIKQFPVTCETGPGSPSGHAMGTAGVYYVMVTSTLSIFQGKIKPTYRFRCLNVILWLGFW
AVQLNVCLSRIYLAANFPHQVVAGVLSGIAVAETFSHIHSIYNASLKKYFLITFFLFSFAIGFYLLLKGLGVDLLWTLEK
AQRWCEQPEWVHIDTTPFASLLKNLGTLFGLGLALNSSMYRESCKGKLSKWLPFRLSSIVASLVLLHVFDSLKPPSQVEL
VFYVLSFCKSAVVPLASVSVIPYCLAQVLGQPHKKSLGGSGGGSGGGSGGGSGGGAAALEVLFQGPSKGEELFTGVVPIL
VELDGDVNGHKFSVRGEGEGDATNGKLTLKFICTTGKLPVPWPTLVTTLTYGVQCFSRYPDHMKRHDFFKSAMPEGYVQE
RTISFKDDGTYKTRAEVKFEGDTLVNRIELKGIDFKEDGNILGHKLEYNFNSHNVYITADKQKNGIKANFKIRHNVEDGS
VQLADHYQQNTPIGDGPVLLPDNHYLSTQSVLSKDPNEKRDHMVLLEFVTAAGITHGMDEWSHPQFEKGGGSGGGSGGSA
WSHPQFEK
;
_entity_poly.pdbx_strand_id   A
#
# COMPACT_ATOMS: atom_id res chain seq x y z
N MET A 1 6.16 25.90 17.35
CA MET A 1 5.53 24.64 16.99
C MET A 1 4.03 24.82 16.78
N GLU A 2 3.47 25.84 17.43
CA GLU A 2 2.03 26.11 17.30
C GLU A 2 1.71 26.89 16.04
N GLU A 3 2.28 28.10 15.91
CA GLU A 3 2.00 28.93 14.74
C GLU A 3 2.54 28.30 13.47
N GLY A 4 3.73 27.69 13.53
CA GLY A 4 4.31 27.06 12.36
C GLY A 4 3.48 25.94 11.79
N MET A 5 2.67 25.29 12.63
CA MET A 5 1.75 24.25 12.15
C MET A 5 0.38 24.79 11.81
N ASN A 6 -0.09 25.80 12.54
CA ASN A 6 -1.38 26.41 12.21
C ASN A 6 -1.35 27.06 10.83
N VAL A 7 -0.26 27.77 10.50
CA VAL A 7 -0.16 28.39 9.19
C VAL A 7 -0.17 27.34 8.09
N LEU A 8 0.57 26.24 8.29
CA LEU A 8 0.62 25.18 7.30
C LEU A 8 -0.74 24.52 7.12
N HIS A 9 -1.46 24.29 8.22
CA HIS A 9 -2.79 23.70 8.14
C HIS A 9 -3.76 24.63 7.41
N ASP A 10 -3.68 25.93 7.68
CA ASP A 10 -4.52 26.88 6.98
C ASP A 10 -4.22 26.90 5.49
N PHE A 11 -2.94 26.83 5.12
CA PHE A 11 -2.57 26.76 3.71
C PHE A 11 -3.14 25.51 3.06
N GLY A 12 -3.05 24.37 3.75
CA GLY A 12 -3.62 23.14 3.21
C GLY A 12 -5.12 23.23 3.01
N ILE A 13 -5.83 23.82 3.98
CA ILE A 13 -7.28 23.97 3.86
C ILE A 13 -7.63 24.88 2.69
N GLN A 14 -6.89 25.98 2.52
CA GLN A 14 -7.16 26.87 1.40
C GLN A 14 -6.93 26.17 0.07
N SER A 15 -5.85 25.38 -0.03
CA SER A 15 -5.60 24.65 -1.27
C SER A 15 -6.70 23.65 -1.57
N THR A 16 -7.15 22.92 -0.54
CA THR A 16 -8.22 21.96 -0.73
C THR A 16 -9.50 22.65 -1.16
N HIS A 17 -9.82 23.80 -0.56
CA HIS A 17 -11.01 24.54 -0.94
C HIS A 17 -10.94 24.99 -2.39
N TYR A 18 -9.78 25.51 -2.80
CA TYR A 18 -9.61 25.92 -4.20
C TYR A 18 -9.83 24.75 -5.14
N LEU A 19 -9.17 23.62 -4.88
CA LEU A 19 -9.30 22.47 -5.75
C LEU A 19 -10.74 21.96 -5.80
N GLN A 20 -11.44 22.00 -4.67
CA GLN A 20 -12.81 21.49 -4.63
C GLN A 20 -13.80 22.42 -5.30
N VAL A 21 -13.57 23.74 -5.27
CA VAL A 21 -14.57 24.65 -5.81
C VAL A 21 -14.35 24.94 -7.30
N ASN A 22 -13.10 25.10 -7.74
CA ASN A 22 -12.86 25.53 -9.12
C ASN A 22 -12.54 24.39 -10.07
N TYR A 23 -12.58 23.14 -9.62
CA TYR A 23 -12.38 21.99 -10.49
C TYR A 23 -13.42 20.91 -10.16
N GLN A 24 -14.68 21.33 -10.07
CA GLN A 24 -15.73 20.44 -9.60
C GLN A 24 -16.00 19.30 -10.59
N ASP A 25 -15.75 19.52 -11.88
CA ASP A 25 -16.01 18.47 -12.87
C ASP A 25 -14.78 17.60 -13.09
N SER A 26 -14.19 17.14 -11.99
CA SER A 26 -13.12 16.16 -12.04
C SER A 26 -13.16 15.18 -10.87
N GLN A 27 -14.19 15.23 -10.03
CA GLN A 27 -14.17 14.45 -8.78
C GLN A 27 -14.12 12.96 -9.04
N ASP A 28 -14.85 12.48 -10.06
CA ASP A 28 -14.87 11.05 -10.34
C ASP A 28 -13.49 10.55 -10.75
N TRP A 29 -12.77 11.32 -11.56
CA TRP A 29 -11.42 10.92 -11.94
C TRP A 29 -10.50 10.86 -10.73
N PHE A 30 -10.60 11.83 -9.83
CA PHE A 30 -9.75 11.81 -8.64
C PHE A 30 -10.09 10.64 -7.74
N ILE A 31 -11.37 10.31 -7.62
CA ILE A 31 -11.75 9.12 -6.85
C ILE A 31 -11.18 7.87 -7.50
N LEU A 32 -11.26 7.77 -8.83
CA LEU A 32 -10.73 6.61 -9.53
C LEU A 32 -9.22 6.49 -9.32
N VAL A 33 -8.52 7.62 -9.33
CA VAL A 33 -7.07 7.60 -9.06
C VAL A 33 -6.81 7.13 -7.63
N SER A 34 -7.59 7.62 -6.67
CA SER A 34 -7.40 7.23 -5.28
C SER A 34 -7.82 5.78 -5.01
N VAL A 35 -8.59 5.15 -5.89
CA VAL A 35 -9.00 3.76 -5.69
C VAL A 35 -7.99 2.78 -6.28
N ILE A 36 -7.44 3.07 -7.47
CA ILE A 36 -6.51 2.13 -8.09
C ILE A 36 -5.09 2.26 -7.57
N ALA A 37 -4.87 3.10 -6.56
CA ALA A 37 -3.55 3.26 -5.96
C ALA A 37 -3.36 2.44 -4.69
N ASP A 38 -4.36 1.66 -4.29
CA ASP A 38 -4.25 0.87 -3.07
C ASP A 38 -3.30 -0.30 -3.27
N LEU A 39 -2.64 -0.70 -2.17
CA LEU A 39 -1.67 -1.79 -2.22
C LEU A 39 -2.30 -3.14 -2.53
N ARG A 40 -3.62 -3.27 -2.37
CA ARG A 40 -4.29 -4.50 -2.76
C ARG A 40 -4.01 -4.83 -4.23
N ASN A 41 -3.97 -3.81 -5.08
CA ASN A 41 -3.63 -4.02 -6.48
C ASN A 41 -2.16 -4.38 -6.67
N ALA A 42 -1.28 -3.93 -5.77
CA ALA A 42 0.13 -4.31 -5.83
C ALA A 42 0.37 -5.71 -5.33
N PHE A 43 -0.55 -6.29 -4.56
CA PHE A 43 -0.43 -7.67 -4.11
C PHE A 43 -1.29 -8.66 -4.89
N TYR A 44 -2.29 -8.18 -5.64
CA TYR A 44 -3.21 -9.07 -6.35
C TYR A 44 -3.11 -8.99 -7.86
N VAL A 45 -2.63 -7.88 -8.41
CA VAL A 45 -2.67 -7.67 -9.86
C VAL A 45 -1.26 -7.50 -10.42
N LEU A 46 -0.34 -6.98 -9.60
CA LEU A 46 1.01 -6.69 -10.09
C LEU A 46 2.00 -7.78 -9.78
N PHE A 47 1.94 -8.39 -8.60
CA PHE A 47 2.82 -9.50 -8.26
C PHE A 47 2.62 -10.69 -9.20
N PRO A 48 1.38 -11.13 -9.50
CA PRO A 48 1.25 -12.22 -10.47
C PRO A 48 1.85 -11.90 -11.82
N ILE A 49 1.74 -10.65 -12.27
CA ILE A 49 2.28 -10.29 -13.58
C ILE A 49 3.81 -10.29 -13.55
N TRP A 50 4.41 -9.70 -12.52
CA TRP A 50 5.85 -9.52 -12.48
C TRP A 50 6.61 -10.74 -11.96
N PHE A 51 5.94 -11.68 -11.29
CA PHE A 51 6.66 -12.84 -10.77
C PHE A 51 7.02 -13.82 -11.87
N HIS A 52 6.16 -13.98 -12.87
CA HIS A 52 6.40 -14.94 -13.93
C HIS A 52 7.31 -14.39 -15.01
N LEU A 53 7.76 -13.14 -14.87
CA LEU A 53 8.72 -12.53 -15.77
C LEU A 53 9.78 -11.84 -14.92
N GLN A 54 10.98 -12.40 -14.86
CA GLN A 54 12.08 -11.89 -14.04
C GLN A 54 11.67 -11.85 -12.56
N GLU A 55 11.52 -13.07 -12.02
CA GLU A 55 11.02 -13.29 -10.66
C GLU A 55 11.63 -12.35 -9.61
N ALA A 56 12.89 -12.00 -9.77
CA ALA A 56 13.59 -11.11 -8.85
C ALA A 56 12.83 -9.80 -8.71
N VAL A 57 12.24 -9.32 -9.81
CA VAL A 57 11.46 -8.08 -9.77
C VAL A 57 10.27 -8.25 -8.84
N GLY A 58 9.57 -9.38 -8.94
CA GLY A 58 8.42 -9.60 -8.07
C GLY A 58 8.80 -9.70 -6.60
N ILE A 59 9.88 -10.42 -6.31
CA ILE A 59 10.32 -10.55 -4.92
C ILE A 59 10.69 -9.18 -4.35
N LYS A 60 11.46 -8.40 -5.12
CA LYS A 60 11.83 -7.06 -4.67
C LYS A 60 10.60 -6.19 -4.49
N LEU A 61 9.61 -6.33 -5.39
CA LEU A 61 8.39 -5.54 -5.30
C LEU A 61 7.66 -5.81 -3.99
N LEU A 62 7.47 -7.09 -3.66
CA LEU A 62 6.79 -7.41 -2.40
C LEU A 62 7.58 -6.94 -1.19
N TRP A 63 8.90 -7.13 -1.19
CA TRP A 63 9.69 -6.69 -0.04
C TRP A 63 9.60 -5.18 0.13
N VAL A 64 9.72 -4.42 -0.96
CA VAL A 64 9.63 -2.96 -0.88
C VAL A 64 8.27 -2.54 -0.37
N ALA A 65 7.20 -3.14 -0.92
CA ALA A 65 5.86 -2.75 -0.50
C ALA A 65 5.64 -3.00 1.00
N VAL A 66 6.02 -4.20 1.46
CA VAL A 66 5.78 -4.55 2.85
C VAL A 66 6.56 -3.65 3.79
N ILE A 67 7.86 -3.47 3.50
CA ILE A 67 8.68 -2.69 4.42
C ILE A 67 8.28 -1.21 4.39
N GLY A 68 7.93 -0.69 3.20
CA GLY A 68 7.46 0.68 3.13
C GLY A 68 6.19 0.88 3.93
N ASP A 69 5.26 -0.09 3.86
CA ASP A 69 4.04 0.02 4.65
C ASP A 69 4.34 0.00 6.15
N TRP A 70 5.24 -0.89 6.57
CA TRP A 70 5.57 -0.95 7.99
C TRP A 70 6.22 0.35 8.48
N LEU A 71 7.15 0.90 7.69
CA LEU A 71 7.75 2.18 8.06
C LEU A 71 6.71 3.29 8.07
N ASN A 72 5.73 3.21 7.15
CA ASN A 72 4.65 4.19 7.13
C ASN A 72 3.86 4.17 8.44
N LEU A 73 3.48 2.97 8.90
CA LEU A 73 2.75 2.89 10.17
C LEU A 73 3.60 3.38 11.33
N VAL A 74 4.89 3.02 11.36
CA VAL A 74 5.74 3.46 12.47
C VAL A 74 5.84 4.98 12.51
N PHE A 75 6.08 5.60 11.35
CA PHE A 75 6.19 7.05 11.29
C PHE A 75 4.86 7.72 11.62
N LYS A 76 3.74 7.15 11.16
CA LYS A 76 2.43 7.68 11.52
C LYS A 76 2.24 7.68 13.02
N TRP A 77 2.64 6.58 13.68
CA TRP A 77 2.47 6.50 15.13
C TRP A 77 3.37 7.50 15.85
N ILE A 78 4.60 7.70 15.37
CA ILE A 78 5.52 8.54 16.13
C ILE A 78 5.47 10.01 15.73
N LEU A 79 4.69 10.39 14.72
CA LEU A 79 4.72 11.77 14.25
C LEU A 79 3.51 12.60 14.66
N PHE A 80 2.37 11.98 14.96
CA PHE A 80 1.19 12.67 15.51
C PHE A 80 0.71 13.78 14.58
N GLY A 81 0.21 13.35 13.41
CA GLY A 81 -0.29 14.27 12.40
C GLY A 81 -1.81 14.34 12.37
N GLN A 82 -2.32 15.41 11.75
CA GLN A 82 -3.76 15.63 11.62
C GLN A 82 -4.23 15.26 10.21
N ARG A 83 -5.51 15.53 9.94
CA ARG A 83 -6.08 15.36 8.61
C ARG A 83 -7.04 16.51 8.36
N PRO A 84 -7.16 16.98 7.10
CA PRO A 84 -7.97 18.16 6.79
C PRO A 84 -9.45 17.86 6.56
N TYR A 85 -10.05 17.03 7.42
CA TYR A 85 -11.50 16.92 7.42
C TYR A 85 -12.12 16.88 8.80
N TRP A 86 -11.35 16.67 9.87
CA TRP A 86 -11.83 16.98 11.21
C TRP A 86 -11.10 18.17 11.81
N TRP A 87 -10.30 18.90 11.03
CA TRP A 87 -9.56 20.03 11.58
C TRP A 87 -10.35 21.33 11.51
N VAL A 88 -11.02 21.59 10.38
CA VAL A 88 -11.79 22.83 10.24
C VAL A 88 -12.97 22.84 11.20
N LEU A 89 -13.57 21.67 11.44
CA LEU A 89 -14.72 21.57 12.33
C LEU A 89 -14.33 21.49 13.80
N ASP A 90 -13.04 21.50 14.11
CA ASP A 90 -12.57 21.37 15.49
C ASP A 90 -11.72 22.55 15.94
N THR A 91 -10.85 23.07 15.08
CA THR A 91 -9.88 24.07 15.51
C THR A 91 -10.57 25.38 15.89
N ASP A 92 -9.97 26.10 16.83
CA ASP A 92 -10.42 27.41 17.25
C ASP A 92 -9.69 28.51 16.48
N TYR A 93 -8.84 28.14 15.52
CA TYR A 93 -8.03 29.11 14.80
C TYR A 93 -8.86 30.07 13.96
N TYR A 94 -10.07 29.68 13.57
CA TYR A 94 -10.89 30.49 12.68
C TYR A 94 -11.90 31.35 13.43
N SER A 95 -11.62 31.70 14.67
CA SER A 95 -12.48 32.62 15.40
C SER A 95 -12.46 33.99 14.74
N ASN A 96 -13.60 34.68 14.79
CA ASN A 96 -13.79 35.99 14.18
C ASN A 96 -13.58 35.96 12.67
N THR A 97 -13.73 34.80 12.05
CA THR A 97 -13.54 34.64 10.61
C THR A 97 -14.48 33.56 10.11
N SER A 98 -14.82 33.63 8.83
CA SER A 98 -15.68 32.63 8.22
C SER A 98 -14.99 31.27 8.19
N VAL A 99 -15.80 30.22 8.26
CA VAL A 99 -15.30 28.84 8.23
C VAL A 99 -15.34 28.37 6.77
N PRO A 100 -14.20 28.06 6.16
CA PRO A 100 -14.21 27.60 4.76
C PRO A 100 -14.95 26.28 4.62
N LEU A 101 -15.90 26.26 3.70
CA LEU A 101 -16.67 25.05 3.45
C LEU A 101 -15.80 23.99 2.78
N ILE A 102 -15.90 22.76 3.26
CA ILE A 102 -15.20 21.62 2.68
C ILE A 102 -16.20 20.49 2.47
N LYS A 103 -16.15 19.89 1.28
CA LYS A 103 -17.05 18.80 0.92
C LYS A 103 -16.36 17.47 1.14
N GLN A 104 -17.07 16.53 1.75
CA GLN A 104 -16.52 15.22 2.10
C GLN A 104 -17.11 14.16 1.18
N PHE A 105 -16.25 13.30 0.66
CA PHE A 105 -16.59 12.22 -0.24
C PHE A 105 -16.58 10.89 0.51
N PRO A 106 -17.26 9.87 -0.02
CA PRO A 106 -17.31 8.58 0.69
C PRO A 106 -15.96 7.91 0.89
N VAL A 107 -14.93 8.35 0.18
CA VAL A 107 -13.58 7.84 0.36
C VAL A 107 -12.74 8.79 1.23
N THR A 108 -13.39 9.62 2.05
CA THR A 108 -12.68 10.58 2.88
C THR A 108 -13.07 10.44 4.34
N CYS A 109 -13.03 9.21 4.86
CA CYS A 109 -13.11 8.97 6.31
C CYS A 109 -12.09 7.89 6.62
N GLU A 110 -10.86 8.32 6.91
CA GLU A 110 -9.74 7.44 7.18
C GLU A 110 -9.44 7.42 8.66
N THR A 111 -9.30 6.23 9.23
CA THR A 111 -8.98 6.06 10.64
C THR A 111 -7.46 5.89 10.77
N GLY A 112 -6.80 6.90 11.34
CA GLY A 112 -5.37 6.83 11.54
C GLY A 112 -4.69 8.15 11.19
N PRO A 113 -3.57 8.43 11.85
CA PRO A 113 -2.82 9.65 11.54
C PRO A 113 -2.23 9.60 10.14
N GLY A 114 -1.99 10.77 9.58
CA GLY A 114 -1.52 10.85 8.21
C GLY A 114 -0.27 11.67 7.99
N SER A 115 0.69 11.60 8.92
CA SER A 115 1.88 12.44 8.80
C SER A 115 2.66 12.16 7.52
N PRO A 116 3.03 10.92 7.19
CA PRO A 116 3.39 10.64 5.78
C PRO A 116 2.20 10.07 5.04
N SER A 117 2.00 10.48 3.79
CA SER A 117 0.89 9.97 3.02
C SER A 117 1.06 8.48 2.76
N GLY A 118 -0.04 7.74 2.87
CA GLY A 118 0.00 6.30 2.74
C GLY A 118 -0.07 5.81 1.31
N HIS A 119 -0.94 6.43 0.52
CA HIS A 119 -1.03 6.07 -0.89
C HIS A 119 0.22 6.50 -1.65
N ALA A 120 0.72 7.70 -1.36
CA ALA A 120 1.88 8.23 -2.08
C ALA A 120 3.12 7.38 -1.82
N MET A 121 3.34 6.98 -0.56
CA MET A 121 4.50 6.16 -0.23
C MET A 121 4.52 4.87 -1.04
N GLY A 122 3.43 4.10 -0.96
CA GLY A 122 3.39 2.82 -1.64
C GLY A 122 3.45 2.97 -3.15
N THR A 123 2.71 3.94 -3.69
CA THR A 123 2.72 4.15 -5.14
C THR A 123 4.12 4.52 -5.62
N ALA A 124 4.78 5.46 -4.93
CA ALA A 124 6.11 5.87 -5.34
C ALA A 124 7.10 4.71 -5.28
N GLY A 125 7.09 3.96 -4.18
CA GLY A 125 8.03 2.85 -4.06
C GLY A 125 7.80 1.79 -5.12
N VAL A 126 6.55 1.34 -5.27
CA VAL A 126 6.26 0.25 -6.21
C VAL A 126 6.55 0.68 -7.64
N TYR A 127 6.14 1.90 -8.02
CA TYR A 127 6.32 2.31 -9.40
C TYR A 127 7.77 2.65 -9.71
N TYR A 128 8.54 3.13 -8.72
CA TYR A 128 9.96 3.30 -8.92
C TYR A 128 10.63 1.95 -9.16
N VAL A 129 10.26 0.94 -8.38
CA VAL A 129 10.80 -0.40 -8.59
C VAL A 129 10.47 -0.90 -9.98
N MET A 130 9.21 -0.73 -10.40
CA MET A 130 8.78 -1.18 -11.71
C MET A 130 9.57 -0.50 -12.83
N VAL A 131 9.71 0.82 -12.76
CA VAL A 131 10.40 1.56 -13.81
C VAL A 131 11.87 1.18 -13.86
N THR A 132 12.52 1.07 -12.70
CA THR A 132 13.93 0.71 -12.68
C THR A 132 14.16 -0.70 -13.23
N SER A 133 13.30 -1.65 -12.85
CA SER A 133 13.43 -3.00 -13.38
C SER A 133 13.21 -3.04 -14.87
N THR A 134 12.21 -2.31 -15.36
CA THR A 134 11.94 -2.28 -16.80
C THR A 134 13.12 -1.70 -17.57
N LEU A 135 13.72 -0.64 -17.03
CA LEU A 135 14.91 -0.08 -17.67
C LEU A 135 16.07 -1.05 -17.65
N SER A 136 16.26 -1.76 -16.53
CA SER A 136 17.38 -2.68 -16.43
C SER A 136 17.24 -3.87 -17.37
N ILE A 137 16.00 -4.31 -17.63
CA ILE A 137 15.80 -5.42 -18.56
C ILE A 137 16.20 -5.03 -19.98
N PHE A 138 15.84 -3.83 -20.41
CA PHE A 138 15.95 -3.45 -21.81
C PHE A 138 17.24 -2.74 -22.18
N GLN A 139 18.21 -2.67 -21.25
CA GLN A 139 19.46 -1.99 -21.57
C GLN A 139 20.21 -2.70 -22.70
N GLY A 140 20.20 -4.04 -22.69
CA GLY A 140 20.89 -4.78 -23.73
C GLY A 140 20.29 -4.59 -25.10
N LYS A 141 18.97 -4.47 -25.18
CA LYS A 141 18.28 -4.31 -26.46
C LYS A 141 18.58 -2.96 -27.08
N ARG A 147 18.40 4.82 -29.21
CA ARG A 147 17.70 5.93 -28.57
C ARG A 147 17.10 5.50 -27.24
N PHE A 148 17.93 4.84 -26.43
CA PHE A 148 17.50 4.38 -25.11
C PHE A 148 17.15 5.55 -24.21
N ARG A 149 17.75 6.71 -24.44
CA ARG A 149 17.44 7.90 -23.66
C ARG A 149 16.00 8.33 -23.83
N CYS A 150 15.44 8.15 -25.03
CA CYS A 150 14.03 8.45 -25.25
C CYS A 150 13.14 7.55 -24.38
N LEU A 151 13.50 6.26 -24.28
CA LEU A 151 12.75 5.37 -23.39
C LEU A 151 12.87 5.81 -21.94
N ASN A 152 14.08 6.19 -21.51
CA ASN A 152 14.25 6.74 -20.18
C ASN A 152 13.30 7.91 -19.94
N VAL A 153 13.27 8.86 -20.88
CA VAL A 153 12.45 10.05 -20.74
C VAL A 153 10.98 9.68 -20.64
N ILE A 154 10.53 8.78 -21.52
CA ILE A 154 9.11 8.44 -21.56
C ILE A 154 8.68 7.78 -20.26
N LEU A 155 9.45 6.79 -19.78
CA LEU A 155 9.04 6.10 -18.56
C LEU A 155 9.14 6.98 -17.33
N TRP A 156 10.16 7.85 -17.26
CA TRP A 156 10.25 8.74 -16.12
C TRP A 156 9.13 9.79 -16.13
N LEU A 157 8.76 10.27 -17.32
CA LEU A 157 7.62 11.16 -17.42
C LEU A 157 6.34 10.48 -16.96
N GLY A 158 6.13 9.22 -17.37
CA GLY A 158 4.96 8.49 -16.92
C GLY A 158 4.93 8.32 -15.42
N PHE A 159 6.07 7.95 -14.82
CA PHE A 159 6.12 7.75 -13.38
C PHE A 159 5.85 9.05 -12.63
N TRP A 160 6.43 10.16 -13.08
CA TRP A 160 6.20 11.42 -12.39
C TRP A 160 4.78 11.92 -12.58
N ALA A 161 4.18 11.68 -13.75
CA ALA A 161 2.77 12.02 -13.94
C ALA A 161 1.89 11.22 -12.99
N VAL A 162 2.18 9.94 -12.82
CA VAL A 162 1.42 9.12 -11.89
C VAL A 162 1.53 9.67 -10.47
N GLN A 163 2.76 10.02 -10.06
CA GLN A 163 2.96 10.55 -8.70
C GLN A 163 2.20 11.86 -8.51
N LEU A 164 2.26 12.76 -9.49
CA LEU A 164 1.58 14.04 -9.37
C LEU A 164 0.06 13.85 -9.32
N ASN A 165 -0.47 12.93 -10.12
CA ASN A 165 -1.90 12.66 -10.08
C ASN A 165 -2.32 12.09 -8.73
N VAL A 166 -1.51 11.20 -8.16
CA VAL A 166 -1.84 10.65 -6.84
C VAL A 166 -1.84 11.75 -5.79
N CYS A 167 -0.84 12.64 -5.85
CA CYS A 167 -0.78 13.74 -4.88
C CYS A 167 -2.01 14.64 -4.99
N LEU A 168 -2.38 15.02 -6.22
CA LEU A 168 -3.56 15.87 -6.38
C LEU A 168 -4.83 15.16 -5.94
N SER A 169 -4.93 13.86 -6.19
CA SER A 169 -6.12 13.13 -5.75
C SER A 169 -6.20 13.08 -4.24
N ARG A 170 -5.08 12.88 -3.56
CA ARG A 170 -5.10 12.86 -2.10
C ARG A 170 -5.48 14.23 -1.53
N ILE A 171 -4.94 15.30 -2.13
CA ILE A 171 -5.26 16.63 -1.61
C ILE A 171 -6.70 17.01 -1.91
N TYR A 172 -7.21 16.65 -3.09
CA TYR A 172 -8.54 17.09 -3.52
C TYR A 172 -9.65 16.54 -2.63
N LEU A 173 -9.55 15.27 -2.23
CA LEU A 173 -10.58 14.66 -1.41
C LEU A 173 -10.66 15.24 0.00
N ALA A 174 -9.67 16.05 0.40
CA ALA A 174 -9.55 16.56 1.77
C ALA A 174 -9.27 15.42 2.74
N ALA A 175 -8.35 14.54 2.37
CA ALA A 175 -7.96 13.42 3.20
C ALA A 175 -6.62 13.63 3.90
N ASN A 176 -5.71 14.32 3.23
CA ASN A 176 -4.35 14.54 3.76
C ASN A 176 -3.94 15.98 3.45
N PHE A 177 -2.96 16.54 4.16
CA PHE A 177 -2.44 17.87 3.87
C PHE A 177 -1.40 17.81 2.74
N PRO A 178 -1.16 18.95 2.08
CA PRO A 178 -0.16 18.96 1.00
C PRO A 178 1.26 18.74 1.47
N HIS A 179 1.56 18.97 2.74
CA HIS A 179 2.92 18.81 3.27
C HIS A 179 3.19 17.38 3.72
N GLN A 180 2.27 16.46 3.46
CA GLN A 180 2.44 15.06 3.81
C GLN A 180 2.64 14.16 2.60
N VAL A 181 2.03 14.47 1.46
CA VAL A 181 2.24 13.69 0.26
C VAL A 181 3.67 13.82 -0.25
N VAL A 182 4.27 15.00 -0.10
CA VAL A 182 5.66 15.20 -0.51
C VAL A 182 6.59 14.31 0.32
N ALA A 183 6.38 14.29 1.63
CA ALA A 183 7.17 13.42 2.50
C ALA A 183 6.96 11.97 2.16
N GLY A 184 5.71 11.58 1.88
CA GLY A 184 5.45 10.21 1.48
C GLY A 184 6.18 9.81 0.21
N VAL A 185 6.17 10.68 -0.79
CA VAL A 185 6.84 10.38 -2.06
C VAL A 185 8.35 10.25 -1.84
N LEU A 186 8.93 11.20 -1.10
CA LEU A 186 10.38 11.16 -0.87
C LEU A 186 10.79 9.91 -0.12
N SER A 187 10.04 9.55 0.93
CA SER A 187 10.37 8.37 1.71
C SER A 187 10.19 7.09 0.88
N GLY A 188 9.15 7.04 0.05
CA GLY A 188 8.97 5.88 -0.81
C GLY A 188 10.12 5.70 -1.79
N ILE A 189 10.58 6.81 -2.38
CA ILE A 189 11.73 6.74 -3.28
C ILE A 189 12.96 6.25 -2.53
N ALA A 190 13.17 6.77 -1.31
CA ALA A 190 14.34 6.35 -0.54
C ALA A 190 14.29 4.86 -0.22
N VAL A 191 13.12 4.35 0.19
CA VAL A 191 12.99 2.94 0.51
C VAL A 191 13.20 2.08 -0.74
N ALA A 192 12.64 2.51 -1.87
CA ALA A 192 12.83 1.75 -3.11
C ALA A 192 14.30 1.68 -3.48
N GLU A 193 15.03 2.79 -3.36
CA GLU A 193 16.47 2.77 -3.63
C GLU A 193 17.20 1.85 -2.66
N THR A 194 16.85 1.92 -1.37
CA THR A 194 17.56 1.14 -0.36
C THR A 194 17.43 -0.35 -0.62
N PHE A 195 16.21 -0.83 -0.90
CA PHE A 195 16.07 -2.24 -1.27
C PHE A 195 16.53 -2.54 -2.69
N SER A 196 16.67 -1.54 -3.55
CA SER A 196 17.33 -1.78 -4.83
C SER A 196 18.81 -2.10 -4.61
N HIS A 197 19.43 -1.51 -3.60
CA HIS A 197 20.86 -1.69 -3.35
C HIS A 197 21.14 -2.71 -2.23
N ILE A 198 20.22 -3.65 -1.98
CA ILE A 198 20.42 -4.71 -0.99
C ILE A 198 20.01 -6.02 -1.64
N HIS A 199 20.98 -6.74 -2.19
CA HIS A 199 20.73 -8.04 -2.83
C HIS A 199 21.11 -9.18 -1.87
N SER A 200 20.31 -9.32 -0.81
CA SER A 200 20.55 -10.37 0.16
C SER A 200 19.26 -11.02 0.65
N ILE A 201 18.18 -10.96 -0.12
CA ILE A 201 16.88 -11.46 0.29
C ILE A 201 16.38 -12.60 -0.59
N TYR A 202 17.16 -13.02 -1.58
CA TYR A 202 16.68 -14.05 -2.50
C TYR A 202 16.89 -15.45 -1.95
N ASN A 203 18.14 -15.80 -1.62
CA ASN A 203 18.46 -17.11 -1.08
C ASN A 203 18.20 -17.12 0.43
N ALA A 204 16.92 -17.05 0.78
CA ALA A 204 16.48 -16.97 2.16
C ALA A 204 15.66 -18.19 2.52
N SER A 205 16.01 -18.83 3.62
CA SER A 205 15.26 -19.98 4.13
C SER A 205 14.07 -19.53 4.96
N LEU A 206 13.19 -20.47 5.28
CA LEU A 206 11.95 -20.13 5.97
C LEU A 206 12.22 -19.56 7.36
N LYS A 207 13.35 -19.94 7.99
CA LYS A 207 13.64 -19.46 9.33
C LYS A 207 13.83 -17.94 9.34
N LYS A 208 14.51 -17.40 8.33
CA LYS A 208 14.71 -15.96 8.27
C LYS A 208 13.38 -15.22 8.08
N TYR A 209 12.51 -15.75 7.23
CA TYR A 209 11.19 -15.12 7.03
C TYR A 209 10.40 -15.12 8.33
N PHE A 210 10.37 -16.27 9.02
CA PHE A 210 9.66 -16.35 10.28
C PHE A 210 10.21 -15.36 11.30
N LEU A 211 11.54 -15.29 11.43
CA LEU A 211 12.13 -14.42 12.43
C LEU A 211 11.90 -12.95 12.10
N ILE A 212 11.94 -12.60 10.81
CA ILE A 212 11.69 -11.21 10.42
C ILE A 212 10.25 -10.81 10.73
N THR A 213 9.29 -11.68 10.37
CA THR A 213 7.90 -11.37 10.66
C THR A 213 7.66 -11.26 12.16
N PHE A 214 8.24 -12.18 12.93
CA PHE A 214 8.08 -12.15 14.38
C PHE A 214 8.67 -10.88 14.97
N PHE A 215 9.85 -10.47 14.49
CA PHE A 215 10.47 -9.25 15.00
C PHE A 215 9.62 -8.03 14.69
N LEU A 216 9.10 -7.93 13.47
CA LEU A 216 8.27 -6.77 13.13
C LEU A 216 7.00 -6.73 13.99
N PHE A 217 6.33 -7.87 14.13
CA PHE A 217 5.11 -7.91 14.95
C PHE A 217 5.42 -7.56 16.40
N SER A 218 6.49 -8.13 16.95
CA SER A 218 6.86 -7.87 18.33
C SER A 218 7.19 -6.41 18.54
N PHE A 219 7.93 -5.80 17.62
CA PHE A 219 8.27 -4.39 17.78
C PHE A 219 7.03 -3.52 17.75
N ALA A 220 6.12 -3.77 16.79
CA ALA A 220 4.93 -2.94 16.72
C ALA A 220 4.09 -3.06 17.98
N ILE A 221 3.79 -4.29 18.39
CA ILE A 221 2.92 -4.50 19.55
C ILE A 221 3.58 -3.98 20.82
N GLY A 222 4.87 -4.24 20.98
CA GLY A 222 5.57 -3.76 22.18
C GLY A 222 5.65 -2.25 22.24
N PHE A 223 5.87 -1.60 21.10
CA PHE A 223 5.90 -0.14 21.09
C PHE A 223 4.54 0.43 21.48
N TYR A 224 3.46 -0.11 20.89
CA TYR A 224 2.13 0.39 21.23
C TYR A 224 1.81 0.17 22.70
N LEU A 225 2.12 -1.03 23.22
CA LEU A 225 1.82 -1.33 24.62
C LEU A 225 2.66 -0.49 25.56
N LEU A 226 3.93 -0.26 25.24
CA LEU A 226 4.78 0.59 26.07
C LEU A 226 4.26 2.01 26.12
N LEU A 227 3.87 2.56 24.96
CA LEU A 227 3.34 3.92 24.96
C LEU A 227 2.02 4.00 25.73
N LYS A 228 1.17 2.99 25.61
CA LYS A 228 -0.06 2.99 26.40
C LYS A 228 0.22 2.90 27.89
N GLY A 229 1.18 2.06 28.28
CA GLY A 229 1.53 1.96 29.69
C GLY A 229 2.08 3.25 30.26
N LEU A 230 2.90 3.95 29.47
CA LEU A 230 3.39 5.25 29.90
C LEU A 230 2.25 6.24 30.09
N GLY A 231 1.27 6.23 29.18
CA GLY A 231 0.14 7.12 29.28
C GLY A 231 -0.28 7.66 27.93
N VAL A 232 0.61 7.60 26.95
CA VAL A 232 0.31 8.09 25.61
C VAL A 232 -0.58 7.09 24.89
N ASP A 233 -1.66 7.59 24.30
CA ASP A 233 -2.58 6.77 23.52
C ASP A 233 -2.32 7.02 22.04
N LEU A 234 -2.02 5.95 21.30
CA LEU A 234 -1.74 6.03 19.88
C LEU A 234 -2.96 5.79 19.02
N LEU A 235 -4.13 5.58 19.62
CA LEU A 235 -5.38 5.34 18.90
C LEU A 235 -6.37 6.46 19.15
N TRP A 236 -5.87 7.71 19.15
CA TRP A 236 -6.75 8.86 19.35
C TRP A 236 -7.56 9.17 18.10
N THR A 237 -7.03 8.88 16.92
CA THR A 237 -7.72 9.22 15.68
C THR A 237 -8.98 8.38 15.49
N LEU A 238 -9.03 7.19 16.06
CA LEU A 238 -10.21 6.34 15.92
C LEU A 238 -11.45 6.99 16.53
N GLU A 239 -11.27 7.80 17.58
CA GLU A 239 -12.39 8.52 18.14
C GLU A 239 -12.81 9.69 17.26
N LYS A 240 -11.84 10.41 16.69
CA LYS A 240 -12.16 11.59 15.90
C LYS A 240 -12.82 11.21 14.58
N ALA A 241 -12.39 10.10 13.97
CA ALA A 241 -12.91 9.72 12.66
C ALA A 241 -14.39 9.44 12.70
N GLN A 242 -14.87 8.80 13.76
CA GLN A 242 -16.28 8.41 13.82
C GLN A 242 -17.19 9.62 13.99
N ARG A 243 -16.73 10.65 14.71
CA ARG A 243 -17.60 11.78 15.01
C ARG A 243 -17.67 12.74 13.84
N TRP A 244 -16.53 13.13 13.27
CA TRP A 244 -16.49 14.08 12.16
C TRP A 244 -16.43 13.31 10.84
N CYS A 245 -17.54 12.64 10.51
CA CYS A 245 -17.63 11.87 9.28
C CYS A 245 -18.99 12.02 8.59
N GLU A 246 -19.88 12.86 9.09
CA GLU A 246 -21.22 13.02 8.52
C GLU A 246 -21.95 11.68 8.53
N GLN A 247 -22.05 11.04 7.37
CA GLN A 247 -22.64 9.72 7.27
C GLN A 247 -21.81 8.72 8.08
N PRO A 248 -22.39 8.02 9.05
CA PRO A 248 -21.59 7.13 9.90
C PRO A 248 -21.31 5.76 9.29
N GLU A 249 -21.82 5.48 8.10
CA GLU A 249 -21.60 4.19 7.44
C GLU A 249 -20.38 4.18 6.54
N TRP A 250 -19.64 5.29 6.48
CA TRP A 250 -18.45 5.36 5.63
C TRP A 250 -17.19 4.88 6.35
N VAL A 251 -17.16 4.95 7.67
CA VAL A 251 -16.01 4.48 8.42
C VAL A 251 -16.00 2.95 8.41
N HIS A 252 -14.89 2.37 7.96
CA HIS A 252 -14.75 0.93 7.88
C HIS A 252 -13.74 0.44 8.92
N ILE A 253 -13.57 -0.88 8.96
CA ILE A 253 -12.58 -1.51 9.84
C ILE A 253 -11.35 -1.97 9.10
N ASP A 254 -11.38 -2.00 7.77
CA ASP A 254 -10.23 -2.43 6.98
C ASP A 254 -9.19 -1.33 6.79
N THR A 255 -9.48 -0.12 7.25
CA THR A 255 -8.56 1.01 7.15
C THR A 255 -8.11 1.49 8.52
N THR A 256 -7.97 0.54 9.46
CA THR A 256 -7.51 0.82 10.81
C THR A 256 -6.04 0.39 10.95
N PRO A 257 -5.26 1.03 11.82
CA PRO A 257 -3.82 0.71 11.86
C PRO A 257 -3.48 -0.57 12.62
N PHE A 258 -4.27 -1.62 12.41
CA PHE A 258 -3.89 -2.98 12.75
C PHE A 258 -4.14 -3.97 11.62
N ALA A 259 -5.23 -3.78 10.87
CA ALA A 259 -5.51 -4.67 9.75
C ALA A 259 -4.43 -4.59 8.69
N SER A 260 -3.95 -3.38 8.39
CA SER A 260 -2.90 -3.23 7.39
C SER A 260 -1.61 -3.93 7.83
N LEU A 261 -1.22 -3.74 9.10
CA LEU A 261 -0.01 -4.39 9.61
C LEU A 261 -0.13 -5.90 9.55
N LEU A 262 -1.28 -6.42 9.99
CA LEU A 262 -1.46 -7.87 9.99
C LEU A 262 -1.47 -8.43 8.58
N LYS A 263 -2.11 -7.73 7.63
CA LYS A 263 -2.12 -8.19 6.26
C LYS A 263 -0.73 -8.18 5.64
N ASN A 264 0.06 -7.14 5.93
CA ASN A 264 1.42 -7.08 5.41
C ASN A 264 2.27 -8.22 5.96
N LEU A 265 2.19 -8.45 7.27
CA LEU A 265 2.94 -9.56 7.85
C LEU A 265 2.48 -10.90 7.28
N GLY A 266 1.17 -11.06 7.09
CA GLY A 266 0.65 -12.29 6.53
C GLY A 266 1.13 -12.54 5.12
N THR A 267 1.15 -11.50 4.27
CA THR A 267 1.59 -11.71 2.90
C THR A 267 3.10 -11.96 2.83
N LEU A 268 3.87 -11.32 3.71
CA LEU A 268 5.30 -11.61 3.77
C LEU A 268 5.55 -13.06 4.17
N PHE A 269 4.86 -13.52 5.22
CA PHE A 269 5.01 -14.91 5.65
C PHE A 269 4.55 -15.88 4.57
N GLY A 270 3.46 -15.55 3.87
CA GLY A 270 2.99 -16.40 2.80
C GLY A 270 3.97 -16.53 1.66
N LEU A 271 4.56 -15.41 1.25
CA LEU A 271 5.60 -15.47 0.22
C LEU A 271 6.79 -16.30 0.68
N GLY A 272 7.21 -16.11 1.93
CA GLY A 272 8.34 -16.86 2.45
C GLY A 272 8.08 -18.36 2.46
N LEU A 273 6.89 -18.76 2.89
CA LEU A 273 6.52 -20.16 2.89
C LEU A 273 6.41 -20.70 1.46
N ALA A 274 5.87 -19.90 0.55
CA ALA A 274 5.66 -20.36 -0.82
C ALA A 274 6.97 -20.60 -1.55
N LEU A 275 7.96 -19.71 -1.34
CA LEU A 275 9.22 -19.86 -2.06
C LEU A 275 9.93 -21.16 -1.69
N ASN A 276 9.89 -21.54 -0.42
CA ASN A 276 10.61 -22.70 0.06
C ASN A 276 9.82 -24.00 -0.02
N SER A 277 8.61 -23.96 -0.58
CA SER A 277 7.76 -25.13 -0.62
C SER A 277 8.29 -26.14 -1.63
N SER A 278 7.83 -27.39 -1.49
CA SER A 278 8.28 -28.45 -2.39
C SER A 278 7.67 -28.33 -3.78
N MET A 279 6.45 -27.78 -3.87
CA MET A 279 5.82 -27.64 -5.18
C MET A 279 6.56 -26.63 -6.06
N TYR A 280 7.13 -25.60 -5.46
CA TYR A 280 7.89 -24.61 -6.22
C TYR A 280 9.14 -25.23 -6.83
N ARG A 281 9.72 -26.24 -6.18
CA ARG A 281 10.90 -26.90 -6.74
C ARG A 281 10.57 -27.59 -8.05
N GLU A 282 9.41 -28.22 -8.14
CA GLU A 282 9.02 -29.00 -9.31
C GLU A 282 8.29 -28.16 -10.36
N SER A 283 8.51 -26.84 -10.38
CA SER A 283 7.92 -26.01 -11.42
C SER A 283 8.45 -26.40 -12.80
N CYS A 284 9.75 -26.67 -12.89
CA CYS A 284 10.36 -27.09 -14.15
C CYS A 284 10.23 -28.59 -14.38
N LYS A 285 9.00 -29.10 -14.27
CA LYS A 285 8.72 -30.50 -14.52
C LYS A 285 7.38 -30.61 -15.23
N GLY A 286 7.20 -31.71 -15.96
CA GLY A 286 6.03 -31.87 -16.79
C GLY A 286 6.13 -31.06 -18.07
N LYS A 287 6.11 -29.74 -17.92
CA LYS A 287 6.36 -28.81 -19.01
C LYS A 287 7.34 -27.75 -18.55
N LEU A 288 8.30 -27.42 -19.40
CA LEU A 288 9.32 -26.44 -19.03
C LEU A 288 8.69 -25.08 -18.79
N SER A 289 9.15 -24.41 -17.74
CA SER A 289 8.58 -23.13 -17.32
C SER A 289 8.97 -21.96 -18.22
N LYS A 290 9.90 -22.16 -19.14
CA LYS A 290 10.34 -21.07 -20.01
C LYS A 290 9.37 -20.80 -21.16
N TRP A 291 8.42 -21.70 -21.40
CA TRP A 291 7.48 -21.54 -22.49
C TRP A 291 6.64 -20.27 -22.32
N LEU A 292 6.53 -19.49 -23.37
CA LEU A 292 5.66 -18.31 -23.35
C LEU A 292 4.20 -18.67 -23.11
N PRO A 293 3.62 -19.68 -23.77
CA PRO A 293 2.23 -20.05 -23.42
C PRO A 293 2.08 -20.45 -21.97
N PHE A 294 3.07 -21.14 -21.38
CA PHE A 294 3.00 -21.51 -19.98
C PHE A 294 2.94 -20.29 -19.08
N ARG A 295 3.80 -19.30 -19.35
CA ARG A 295 3.82 -18.08 -18.54
C ARG A 295 2.51 -17.30 -18.71
N LEU A 296 2.01 -17.20 -19.94
CA LEU A 296 0.76 -16.49 -20.17
C LEU A 296 -0.41 -17.17 -19.47
N SER A 297 -0.48 -18.50 -19.54
CA SER A 297 -1.55 -19.23 -18.87
C SER A 297 -1.45 -19.08 -17.36
N SER A 298 -0.24 -19.12 -16.82
CA SER A 298 -0.07 -18.92 -15.39
C SER A 298 -0.54 -17.54 -14.96
N ILE A 299 -0.17 -16.51 -15.73
CA ILE A 299 -0.57 -15.15 -15.40
C ILE A 299 -2.10 -15.02 -15.44
N VAL A 300 -2.72 -15.53 -16.51
CA VAL A 300 -4.16 -15.39 -16.67
C VAL A 300 -4.90 -16.12 -15.57
N ALA A 301 -4.51 -17.37 -15.29
CA ALA A 301 -5.18 -18.14 -14.25
C ALA A 301 -5.00 -17.51 -12.89
N SER A 302 -3.78 -17.04 -12.58
CA SER A 302 -3.55 -16.38 -11.29
C SER A 302 -4.43 -15.16 -11.15
N LEU A 303 -4.46 -14.30 -12.16
CA LEU A 303 -5.25 -13.07 -12.08
C LEU A 303 -6.73 -13.39 -11.88
N VAL A 304 -7.27 -14.31 -12.70
CA VAL A 304 -8.70 -14.59 -12.63
C VAL A 304 -9.07 -15.20 -11.29
N LEU A 305 -8.32 -16.21 -10.84
CA LEU A 305 -8.65 -16.88 -9.58
C LEU A 305 -8.48 -15.93 -8.40
N LEU A 306 -7.44 -15.10 -8.39
CA LEU A 306 -7.27 -14.17 -7.27
C LEU A 306 -8.37 -13.12 -7.26
N HIS A 307 -8.79 -12.63 -8.43
CA HIS A 307 -9.87 -11.66 -8.46
C HIS A 307 -11.18 -12.28 -7.97
N VAL A 308 -11.46 -13.53 -8.35
CA VAL A 308 -12.68 -14.17 -7.87
C VAL A 308 -12.58 -14.45 -6.37
N PHE A 309 -11.40 -14.85 -5.89
CA PHE A 309 -11.21 -15.15 -4.48
C PHE A 309 -11.25 -13.92 -3.60
N ASP A 310 -11.01 -12.73 -4.16
CA ASP A 310 -11.15 -11.50 -3.40
C ASP A 310 -12.59 -11.23 -2.99
N SER A 311 -13.57 -11.94 -3.57
CA SER A 311 -14.97 -11.71 -3.22
C SER A 311 -15.27 -12.15 -1.79
N LEU A 312 -14.52 -13.12 -1.26
CA LEU A 312 -14.74 -13.55 0.11
C LEU A 312 -14.31 -12.45 1.08
N LYS A 313 -15.19 -12.15 2.04
CA LYS A 313 -14.94 -11.10 3.03
C LYS A 313 -15.03 -11.70 4.42
N PRO A 314 -13.95 -11.69 5.21
CA PRO A 314 -14.01 -12.25 6.56
C PRO A 314 -15.01 -11.48 7.43
N PRO A 315 -15.76 -12.18 8.27
CA PRO A 315 -16.71 -11.49 9.15
C PRO A 315 -16.00 -10.54 10.10
N SER A 316 -16.65 -9.42 10.39
CA SER A 316 -16.07 -8.38 11.24
C SER A 316 -16.89 -8.15 12.51
N GLN A 317 -17.71 -9.14 12.90
CA GLN A 317 -18.47 -9.01 14.14
C GLN A 317 -17.53 -8.96 15.35
N VAL A 318 -16.50 -9.80 15.36
CA VAL A 318 -15.50 -9.83 16.40
C VAL A 318 -14.15 -9.47 15.81
N GLU A 319 -13.42 -8.58 16.49
CA GLU A 319 -12.19 -8.04 15.93
C GLU A 319 -11.08 -9.08 15.86
N LEU A 320 -10.97 -9.95 16.87
CA LEU A 320 -9.91 -10.95 16.86
C LEU A 320 -10.09 -11.95 15.71
N VAL A 321 -11.33 -12.39 15.48
CA VAL A 321 -11.62 -13.28 14.37
C VAL A 321 -11.29 -12.59 13.05
N PHE A 322 -11.66 -11.31 12.93
CA PHE A 322 -11.35 -10.56 11.72
C PHE A 322 -9.85 -10.48 11.49
N TYR A 323 -9.09 -10.22 12.55
CA TYR A 323 -7.63 -10.12 12.42
C TYR A 323 -7.03 -11.43 11.96
N VAL A 324 -7.40 -12.54 12.61
CA VAL A 324 -6.84 -13.84 12.26
C VAL A 324 -7.22 -14.23 10.85
N LEU A 325 -8.48 -14.00 10.46
CA LEU A 325 -8.91 -14.36 9.12
C LEU A 325 -8.24 -13.48 8.06
N SER A 326 -8.02 -12.20 8.37
CA SER A 326 -7.28 -11.34 7.45
C SER A 326 -5.86 -11.83 7.26
N PHE A 327 -5.20 -12.24 8.35
CA PHE A 327 -3.86 -12.80 8.23
C PHE A 327 -3.87 -14.05 7.34
N CYS A 328 -4.76 -15.00 7.63
CA CYS A 328 -4.79 -16.25 6.88
C CYS A 328 -5.26 -16.06 5.45
N LYS A 329 -5.98 -14.99 5.15
CA LYS A 329 -6.42 -14.71 3.78
C LYS A 329 -5.34 -14.02 2.97
N SER A 330 -4.63 -13.06 3.58
CA SER A 330 -3.55 -12.38 2.88
C SER A 330 -2.31 -13.26 2.76
N ALA A 331 -2.20 -14.31 3.57
CA ALA A 331 -1.06 -15.21 3.43
C ALA A 331 -1.24 -16.23 2.31
N VAL A 332 -2.39 -16.26 1.65
CA VAL A 332 -2.65 -17.26 0.62
C VAL A 332 -2.40 -16.69 -0.78
N VAL A 333 -2.60 -15.40 -0.98
CA VAL A 333 -2.49 -14.79 -2.31
C VAL A 333 -1.07 -14.92 -2.88
N PRO A 334 0.04 -14.96 -2.09
CA PRO A 334 1.33 -15.27 -2.72
C PRO A 334 1.55 -16.77 -2.86
N LEU A 335 0.88 -17.55 -2.00
CA LEU A 335 1.02 -19.00 -1.99
C LEU A 335 0.30 -19.68 -3.15
N ALA A 336 -0.73 -19.05 -3.70
CA ALA A 336 -1.55 -19.67 -4.74
C ALA A 336 -1.10 -19.32 -6.15
N SER A 337 -0.35 -18.23 -6.34
CA SER A 337 0.09 -17.82 -7.66
C SER A 337 1.46 -18.35 -8.06
N VAL A 338 2.22 -18.92 -7.13
CA VAL A 338 3.56 -19.38 -7.42
C VAL A 338 3.70 -20.89 -7.32
N SER A 339 2.98 -21.55 -6.41
CA SER A 339 3.21 -22.95 -6.10
C SER A 339 2.05 -23.88 -6.40
N VAL A 340 0.82 -23.38 -6.49
CA VAL A 340 -0.33 -24.25 -6.68
C VAL A 340 -0.77 -24.21 -8.14
N ILE A 341 -1.07 -23.00 -8.63
CA ILE A 341 -1.55 -22.86 -10.02
C ILE A 341 -0.54 -23.36 -11.04
N PRO A 342 0.75 -23.03 -10.96
CA PRO A 342 1.70 -23.62 -11.91
C PRO A 342 1.75 -25.15 -11.84
N TYR A 343 1.61 -25.72 -10.66
CA TYR A 343 1.60 -27.17 -10.53
C TYR A 343 0.38 -27.77 -11.23
N CYS A 344 -0.78 -27.11 -11.09
CA CYS A 344 -1.99 -27.57 -11.77
C CYS A 344 -1.83 -27.46 -13.28
N LEU A 345 -1.24 -26.37 -13.77
CA LEU A 345 -0.99 -26.24 -15.20
C LEU A 345 -0.05 -27.33 -15.69
N ALA A 346 0.97 -27.67 -14.89
CA ALA A 346 1.88 -28.73 -15.27
C ALA A 346 1.17 -30.08 -15.34
N GLN A 347 0.31 -30.36 -14.35
CA GLN A 347 -0.37 -31.66 -14.32
C GLN A 347 -1.49 -31.77 -15.35
N VAL A 348 -2.02 -30.64 -15.84
CA VAL A 348 -3.12 -30.69 -16.79
C VAL A 348 -2.60 -30.78 -18.21
N LEU A 349 -1.80 -29.81 -18.64
CA LEU A 349 -1.31 -29.76 -20.00
C LEU A 349 0.18 -30.10 -20.04
N GLY A 350 0.64 -30.47 -21.24
CA GLY A 350 2.03 -30.85 -21.45
C GLY A 350 2.23 -32.32 -21.76
N GLN A 351 1.16 -33.11 -21.83
CA GLN A 351 1.28 -34.53 -22.12
C GLN A 351 0.34 -34.93 -23.26
#